data_8U4A
#
_entry.id   8U4A
#
_cell.length_a   133.114
_cell.length_b   67.178
_cell.length_c   100.838
_cell.angle_alpha   90.000
_cell.angle_beta   125.000
_cell.angle_gamma   90.000
#
_symmetry.space_group_name_H-M   'C 1 2 1'
#
loop_
_entity.id
_entity.type
_entity.pdbx_description
1 polymer Endoglucanase
2 branched beta-D-glucopyranose-(1-4)-beta-D-glucopyranose-(1-4)-beta-D-glucopyranose
3 non-polymer 2-AMINO-2-HYDROXYMETHYL-PROPANE-1,3-DIOL
4 non-polymer 'CALCIUM ION'
5 non-polymer 'SODIUM ION'
6 non-polymer 'CHLORIDE ION'
7 water water
#
_entity_poly.entity_id   1
_entity_poly.type   'polypeptide(L)'
_entity_poly.pdbx_seq_one_letter_code
;AEEYPHNYAELLQKSLLFYEAQRSGRLPENSRLNWRGDSGLEDGKDVGLDLTGGWYDAGDHVKFGLPMAYSAAILSWSVY
EYRDAYKESGQLDAALDNIKWATDYFLKAHTAPYELWGQVGNGALDHAWWGPAEVMPMKRPAYKIDAGCPGSDLAGGTAA
ALASASIIFKPTDSSYSEKLLAHAKQLYDFADRYRGKYSDCITDAQQYYNSWSGYKDELTWGAVWLYLATEEQQYLDKAL
ASVSDWGDPANWPYRWTLSWDDVTYGAQLLLARLTNDSRFVKSVERNLDYWSTGYSHNGSIERITYTPGGLAWLEQWGSL
RYASNAAFLAFVYSDWVDTEKAKRYRDFAVRQTEYMLGDNPQQRSFVVGYGKNPPKHPHHRTAHGSWANQMNVPENHRHT
LYGALVGGPGRDDSYRDDITDYASNEVAIDYNAAFTGNVAKMFQLFGKGHVPLPDFPEKETPEDEYFAEASINSSGNSYT
EIRAQLNNRSGWPAKKTDQLSFRYYVDLTEAVEAGYSAEDIKVTAGYNEGASVSELKPHDASKHIYYTEVSFSGVLIYPG
GQSAHKKEVQFRLSAPDGTSFWNPENDHSYQGLSHALLKTRYIPVYDDGRLVFGHEPGY
;
_entity_poly.pdbx_strand_id   A
#
# COMPACT_ATOMS: atom_id res chain seq x y z
N TYR A 4 -27.13 3.26 -4.01
CA TYR A 4 -26.40 2.05 -3.53
C TYR A 4 -26.85 1.70 -2.10
N PRO A 5 -27.05 0.42 -1.81
CA PRO A 5 -27.50 0.05 -0.47
C PRO A 5 -26.31 -0.10 0.47
N HIS A 6 -26.01 0.96 1.22
CA HIS A 6 -24.80 1.01 1.99
C HIS A 6 -24.77 -0.05 3.09
N ASN A 7 -23.59 -0.61 3.30
CA ASN A 7 -23.33 -1.55 4.38
C ASN A 7 -22.07 -1.06 5.06
N TYR A 8 -22.20 -0.49 6.27
CA TYR A 8 -21.02 0.09 6.88
C TYR A 8 -20.12 -0.96 7.50
N ALA A 9 -20.61 -2.18 7.76
CA ALA A 9 -19.70 -3.24 8.19
C ALA A 9 -18.78 -3.66 7.03
N GLU A 10 -19.36 -3.84 5.85
CA GLU A 10 -18.57 -4.15 4.66
C GLU A 10 -17.59 -3.02 4.32
N LEU A 11 -18.04 -1.78 4.42
CA LEU A 11 -17.13 -0.65 4.20
C LEU A 11 -15.98 -0.68 5.19
N LEU A 12 -16.27 -0.86 6.48
CA LEU A 12 -15.17 -0.91 7.45
C LEU A 12 -14.20 -2.06 7.15
N GLN A 13 -14.75 -3.24 6.88
CA GLN A 13 -13.96 -4.40 6.44
C GLN A 13 -13.04 -4.06 5.26
N LYS A 14 -13.58 -3.35 4.27
CA LYS A 14 -12.78 -2.98 3.10
C LYS A 14 -11.70 -1.97 3.44
N SER A 15 -12.03 -0.94 4.24
CA SER A 15 -10.99 0.04 4.60
C SER A 15 -9.81 -0.65 5.29
N LEU A 16 -10.09 -1.57 6.19
CA LEU A 16 -8.99 -2.32 6.81
C LEU A 16 -8.23 -3.18 5.79
N LEU A 17 -8.93 -3.71 4.81
CA LEU A 17 -8.26 -4.46 3.76
C LEU A 17 -7.31 -3.58 2.94
N PHE A 18 -7.58 -2.28 2.82
CA PHE A 18 -6.61 -1.41 2.16
C PHE A 18 -5.31 -1.42 2.93
N TYR A 19 -5.36 -1.34 4.26
CA TYR A 19 -4.11 -1.38 5.03
C TYR A 19 -3.40 -2.72 4.86
N GLU A 20 -4.16 -3.80 4.76
CA GLU A 20 -3.51 -5.08 4.49
C GLU A 20 -2.81 -5.08 3.13
N ALA A 21 -3.36 -4.37 2.13
CA ALA A 21 -2.73 -4.25 0.83
C ALA A 21 -1.44 -3.42 0.88
N GLN A 22 -1.25 -2.63 1.92
CA GLN A 22 -0.10 -1.74 2.03
C GLN A 22 1.08 -2.42 2.73
N ARG A 23 0.91 -3.67 3.14
CA ARG A 23 1.91 -4.33 3.96
C ARG A 23 3.22 -4.56 3.19
N SER A 24 4.31 -4.20 3.84
CA SER A 24 5.64 -4.57 3.39
C SER A 24 6.12 -5.74 4.24
N GLY A 25 7.14 -6.43 3.75
CA GLY A 25 7.79 -7.43 4.56
C GLY A 25 7.37 -8.84 4.16
N ARG A 26 7.57 -9.75 5.09
CA ARG A 26 7.16 -11.14 4.94
C ARG A 26 5.71 -11.29 5.41
N LEU A 27 4.87 -11.82 4.56
CA LEU A 27 3.43 -11.80 4.83
C LEU A 27 2.97 -13.10 5.48
N PRO A 28 1.98 -13.05 6.37
CA PRO A 28 1.51 -14.29 7.00
C PRO A 28 0.89 -15.25 6.00
N GLU A 29 0.93 -16.53 6.35
CA GLU A 29 0.41 -17.56 5.46
C GLU A 29 -1.09 -17.38 5.19
N ASN A 30 -1.87 -16.99 6.20
CA ASN A 30 -3.30 -16.75 6.05
C ASN A 30 -3.61 -15.32 5.58
N SER A 31 -2.73 -14.73 4.77
N SER A 31 -2.72 -14.73 4.77
CA SER A 31 -3.02 -13.42 4.21
CA SER A 31 -2.99 -13.43 4.18
C SER A 31 -4.23 -13.48 3.30
C SER A 31 -4.24 -13.50 3.30
N ARG A 32 -5.06 -12.45 3.37
CA ARG A 32 -6.30 -12.42 2.59
C ARG A 32 -6.07 -12.13 1.10
N LEU A 33 -4.94 -11.53 0.73
CA LEU A 33 -4.73 -10.98 -0.61
C LEU A 33 -3.75 -11.87 -1.36
N ASN A 34 -4.26 -12.72 -2.24
CA ASN A 34 -3.37 -13.62 -3.00
C ASN A 34 -2.49 -12.87 -4.00
N TRP A 35 -2.80 -11.62 -4.33
CA TRP A 35 -1.95 -10.85 -5.23
C TRP A 35 -0.87 -10.06 -4.51
N ARG A 36 -0.74 -10.21 -3.20
CA ARG A 36 0.40 -9.64 -2.49
C ARG A 36 1.36 -10.75 -2.04
N GLY A 37 2.65 -10.51 -2.19
CA GLY A 37 3.67 -11.42 -1.73
C GLY A 37 4.75 -10.72 -0.90
N ASP A 38 5.72 -11.52 -0.48
CA ASP A 38 6.82 -11.00 0.32
C ASP A 38 7.50 -9.89 -0.44
N SER A 39 7.95 -8.84 0.27
CA SER A 39 8.57 -7.72 -0.40
C SER A 39 9.38 -6.89 0.59
N GLY A 40 10.31 -6.10 0.06
CA GLY A 40 11.16 -5.30 0.93
C GLY A 40 11.89 -6.14 1.94
N LEU A 41 12.26 -7.38 1.57
CA LEU A 41 12.89 -8.28 2.52
C LEU A 41 14.31 -7.86 2.90
N GLU A 42 14.94 -7.00 2.12
CA GLU A 42 16.25 -6.50 2.49
C GLU A 42 16.21 -5.18 3.26
N ASP A 43 15.00 -4.72 3.67
CA ASP A 43 14.91 -3.42 4.33
C ASP A 43 15.70 -3.45 5.62
N GLY A 44 16.64 -2.52 5.76
CA GLY A 44 17.50 -2.44 6.93
C GLY A 44 18.84 -3.13 6.75
N LYS A 45 19.01 -3.94 5.72
CA LYS A 45 20.25 -4.68 5.60
C LYS A 45 21.45 -3.75 5.37
N ASP A 46 21.26 -2.60 4.73
CA ASP A 46 22.39 -1.69 4.60
C ASP A 46 22.87 -1.13 5.94
N VAL A 47 22.05 -1.19 6.97
CA VAL A 47 22.49 -0.66 8.26
C VAL A 47 22.54 -1.75 9.32
N GLY A 48 22.51 -3.02 8.89
CA GLY A 48 22.67 -4.11 9.86
C GLY A 48 21.46 -4.43 10.71
N LEU A 49 20.25 -4.15 10.22
CA LEU A 49 19.08 -4.29 11.07
C LEU A 49 17.94 -4.96 10.32
N ASP A 50 17.08 -5.62 11.06
CA ASP A 50 15.85 -6.08 10.45
C ASP A 50 14.88 -4.92 10.52
N LEU A 51 14.66 -4.22 9.39
CA LEU A 51 13.60 -3.21 9.28
C LEU A 51 12.49 -3.65 8.35
N THR A 52 12.23 -4.96 8.24
CA THR A 52 11.17 -5.42 7.37
C THR A 52 9.81 -5.23 8.05
N GLY A 53 8.77 -5.20 7.23
CA GLY A 53 7.42 -4.94 7.73
C GLY A 53 7.00 -3.49 7.58
N GLY A 54 5.96 -3.12 8.36
CA GLY A 54 5.37 -1.81 8.20
C GLY A 54 4.52 -1.70 6.94
N TRP A 55 4.06 -0.47 6.68
CA TRP A 55 3.22 -0.14 5.54
C TRP A 55 4.00 0.67 4.51
N TYR A 56 3.77 0.37 3.23
CA TYR A 56 4.07 1.34 2.17
C TYR A 56 3.20 2.57 2.36
N ASP A 57 3.75 3.74 2.05
CA ASP A 57 3.00 4.97 2.28
C ASP A 57 1.72 5.08 1.42
N ALA A 58 1.84 4.85 0.12
CA ALA A 58 0.78 5.26 -0.79
C ALA A 58 0.74 4.30 -1.98
N GLY A 59 0.83 4.82 -3.18
CA GLY A 59 0.91 3.98 -4.37
C GLY A 59 2.33 3.67 -4.71
N ASP A 60 3.26 4.02 -3.80
CA ASP A 60 4.70 3.87 -3.92
C ASP A 60 5.16 2.86 -2.86
N HIS A 61 6.48 2.74 -2.65
CA HIS A 61 7.00 1.72 -1.74
C HIS A 61 7.96 2.29 -0.70
N VAL A 62 7.96 3.59 -0.52
CA VAL A 62 8.72 4.19 0.58
C VAL A 62 7.94 3.99 1.88
N LYS A 63 8.64 3.68 2.96
CA LYS A 63 8.02 3.65 4.28
C LYS A 63 8.40 4.98 4.95
N PHE A 64 7.48 5.95 4.89
CA PHE A 64 7.69 7.30 5.42
C PHE A 64 7.24 7.30 6.89
N GLY A 65 8.17 7.49 7.83
CA GLY A 65 7.82 7.30 9.24
C GLY A 65 6.78 8.26 9.79
N LEU A 66 6.74 9.52 9.30
CA LEU A 66 5.88 10.50 9.98
C LEU A 66 4.43 10.23 9.64
N PRO A 67 4.02 10.15 8.37
CA PRO A 67 2.64 9.75 8.11
C PRO A 67 2.30 8.31 8.58
N MET A 68 3.28 7.40 8.70
CA MET A 68 2.93 6.06 9.18
C MET A 68 2.57 6.10 10.65
N ALA A 69 3.36 6.85 11.44
CA ALA A 69 3.04 7.03 12.85
C ALA A 69 1.68 7.68 13.03
N TYR A 70 1.43 8.77 12.30
CA TYR A 70 0.14 9.44 12.33
C TYR A 70 -0.98 8.46 12.02
N SER A 71 -0.85 7.69 10.93
CA SER A 71 -1.93 6.77 10.53
C SER A 71 -2.21 5.75 11.64
N ALA A 72 -1.16 5.11 12.17
CA ALA A 72 -1.39 4.17 13.27
C ALA A 72 -2.03 4.86 14.48
N ALA A 73 -1.64 6.08 14.76
CA ALA A 73 -2.19 6.77 15.94
C ALA A 73 -3.67 7.05 15.76
N ILE A 74 -4.08 7.50 14.56
CA ILE A 74 -5.50 7.83 14.33
C ILE A 74 -6.35 6.56 14.26
N LEU A 75 -5.80 5.52 13.63
CA LEU A 75 -6.49 4.23 13.63
C LEU A 75 -6.71 3.73 15.05
N SER A 76 -5.67 3.83 15.90
CA SER A 76 -5.82 3.39 17.30
C SER A 76 -6.80 4.29 18.03
N TRP A 77 -6.76 5.58 17.72
CA TRP A 77 -7.69 6.51 18.35
C TRP A 77 -9.15 6.11 18.09
N SER A 78 -9.49 5.72 16.86
CA SER A 78 -10.88 5.35 16.63
C SER A 78 -11.25 4.04 17.31
N VAL A 79 -10.32 3.08 17.42
CA VAL A 79 -10.61 1.88 18.21
C VAL A 79 -10.83 2.24 19.68
N TYR A 80 -10.09 3.23 20.16
CA TYR A 80 -10.26 3.67 21.53
C TYR A 80 -11.64 4.31 21.72
N GLU A 81 -12.08 5.15 20.76
CA GLU A 81 -13.37 5.82 20.87
C GLU A 81 -14.55 4.90 20.59
N TYR A 82 -14.45 4.04 19.56
CA TYR A 82 -15.58 3.29 19.00
C TYR A 82 -15.35 1.77 19.05
N ARG A 83 -14.71 1.26 20.12
CA ARG A 83 -14.43 -0.19 20.22
C ARG A 83 -15.68 -1.05 19.99
N ASP A 84 -16.80 -0.67 20.59
CA ASP A 84 -18.06 -1.41 20.41
C ASP A 84 -18.50 -1.43 18.95
N ALA A 85 -18.32 -0.33 18.21
CA ALA A 85 -18.64 -0.38 16.78
C ALA A 85 -17.75 -1.37 16.04
N TYR A 86 -16.44 -1.36 16.32
CA TYR A 86 -15.54 -2.33 15.72
C TYR A 86 -15.99 -3.75 16.07
N LYS A 87 -16.40 -3.94 17.33
CA LYS A 87 -16.78 -5.27 17.80
C LYS A 87 -18.02 -5.79 17.08
N GLU A 88 -19.10 -4.99 17.09
CA GLU A 88 -20.39 -5.39 16.55
C GLU A 88 -20.39 -5.48 15.05
N SER A 89 -19.49 -4.77 14.36
CA SER A 89 -19.32 -4.96 12.92
C SER A 89 -18.43 -6.16 12.59
N GLY A 90 -17.85 -6.83 13.60
CA GLY A 90 -16.98 -7.98 13.37
C GLY A 90 -15.58 -7.62 12.94
N GLN A 91 -15.18 -6.36 13.10
CA GLN A 91 -13.92 -5.85 12.55
C GLN A 91 -12.87 -5.60 13.62
N LEU A 92 -13.13 -5.95 14.87
CA LEU A 92 -12.19 -5.58 15.92
C LEU A 92 -10.88 -6.37 15.79
N ASP A 93 -10.98 -7.69 15.60
CA ASP A 93 -9.76 -8.49 15.43
C ASP A 93 -8.95 -7.98 14.26
N ALA A 94 -9.61 -7.69 13.14
CA ALA A 94 -8.94 -7.14 11.96
C ALA A 94 -8.32 -5.79 12.26
N ALA A 95 -9.01 -4.95 13.03
CA ALA A 95 -8.46 -3.61 13.28
C ALA A 95 -7.20 -3.70 14.15
N LEU A 96 -7.23 -4.57 15.16
CA LEU A 96 -6.05 -4.81 15.98
C LEU A 96 -4.94 -5.44 15.15
N ASP A 97 -5.25 -6.50 14.40
CA ASP A 97 -4.23 -7.09 13.53
C ASP A 97 -3.62 -6.05 12.58
N ASN A 98 -4.42 -5.18 12.03
CA ASN A 98 -3.82 -4.25 11.07
C ASN A 98 -2.97 -3.18 11.79
N ILE A 99 -3.43 -2.64 12.92
CA ILE A 99 -2.59 -1.69 13.68
C ILE A 99 -1.30 -2.35 14.15
N LYS A 100 -1.37 -3.63 14.54
CA LYS A 100 -0.19 -4.33 15.05
C LYS A 100 0.88 -4.45 13.99
N TRP A 101 0.49 -4.52 12.70
CA TRP A 101 1.48 -4.55 11.64
C TRP A 101 2.37 -3.31 11.70
N ALA A 102 1.76 -2.13 11.91
CA ALA A 102 2.54 -0.90 12.00
C ALA A 102 3.29 -0.80 13.32
N THR A 103 2.64 -1.13 14.45
CA THR A 103 3.38 -0.97 15.71
C THR A 103 4.52 -1.99 15.82
N ASP A 104 4.34 -3.20 15.29
CA ASP A 104 5.47 -4.15 15.23
C ASP A 104 6.65 -3.51 14.48
N TYR A 105 6.37 -2.80 13.37
CA TYR A 105 7.45 -2.12 12.66
C TYR A 105 8.08 -0.98 13.49
N PHE A 106 7.28 -0.22 14.23
CA PHE A 106 7.87 0.85 15.05
C PHE A 106 8.81 0.27 16.12
N LEU A 107 8.43 -0.85 16.72
CA LEU A 107 9.30 -1.54 17.66
C LEU A 107 10.64 -1.90 17.02
N LYS A 108 10.61 -2.41 15.78
N LYS A 108 10.61 -2.42 15.78
CA LYS A 108 11.87 -2.73 15.08
CA LYS A 108 11.85 -2.73 15.08
C LYS A 108 12.66 -1.47 14.76
C LYS A 108 12.65 -1.45 14.80
N ALA A 109 11.96 -0.38 14.40
CA ALA A 109 12.61 0.86 14.03
C ALA A 109 13.17 1.58 15.24
N HIS A 110 12.67 1.22 16.43
CA HIS A 110 13.10 1.86 17.68
C HIS A 110 14.08 0.91 18.37
N THR A 111 15.21 0.77 17.69
CA THR A 111 16.30 -0.16 18.04
C THR A 111 16.95 0.20 19.37
N ALA A 112 17.10 1.48 19.62
CA ALA A 112 17.79 1.99 20.78
C ALA A 112 16.93 3.10 21.34
N PRO A 113 16.99 3.36 22.64
CA PRO A 113 16.03 4.31 23.22
C PRO A 113 16.02 5.66 22.55
N TYR A 114 17.15 6.13 22.02
CA TYR A 114 17.24 7.46 21.41
C TYR A 114 17.62 7.38 19.94
N GLU A 115 17.11 6.38 19.26
CA GLU A 115 17.40 6.18 17.87
C GLU A 115 16.14 5.63 17.21
N LEU A 116 15.71 6.24 16.10
CA LEU A 116 14.48 5.81 15.43
C LEU A 116 14.70 5.86 13.92
N TRP A 117 14.66 4.69 13.28
CA TRP A 117 14.66 4.59 11.82
C TRP A 117 13.35 5.17 11.28
N GLY A 118 13.46 6.20 10.46
CA GLY A 118 12.28 6.96 10.11
C GLY A 118 11.95 6.93 8.64
N GLN A 119 12.76 6.23 7.85
CA GLN A 119 12.44 6.04 6.45
C GLN A 119 13.20 4.82 5.93
N VAL A 120 12.54 4.06 5.09
CA VAL A 120 13.21 3.05 4.28
C VAL A 120 12.75 3.22 2.85
N GLY A 121 13.70 3.29 1.93
CA GLY A 121 13.35 3.69 0.58
C GLY A 121 13.76 5.14 0.38
N ASN A 122 14.32 5.44 -0.78
CA ASN A 122 14.65 6.80 -1.17
C ASN A 122 13.60 7.27 -2.19
N GLY A 123 13.05 8.47 -2.01
CA GLY A 123 11.89 8.86 -2.83
C GLY A 123 12.15 8.84 -4.33
N ALA A 124 13.30 9.40 -4.75
CA ALA A 124 13.64 9.45 -6.18
C ALA A 124 13.86 8.05 -6.75
N LEU A 125 14.66 7.22 -6.06
CA LEU A 125 14.88 5.86 -6.58
C LEU A 125 13.58 5.07 -6.63
N ASP A 126 12.76 5.16 -5.56
CA ASP A 126 11.52 4.42 -5.50
C ASP A 126 10.57 4.88 -6.57
N HIS A 127 10.43 6.20 -6.75
CA HIS A 127 9.33 6.68 -7.59
C HIS A 127 9.70 6.70 -9.07
N ALA A 128 10.99 6.53 -9.41
CA ALA A 128 11.41 6.41 -10.81
C ALA A 128 10.94 5.15 -11.50
N TRP A 129 10.42 4.18 -10.78
CA TRP A 129 10.09 2.87 -11.30
C TRP A 129 8.63 2.56 -10.96
N TRP A 130 7.91 2.01 -11.93
CA TRP A 130 6.47 1.75 -11.80
C TRP A 130 6.23 0.25 -11.98
N GLY A 131 6.12 -0.47 -10.87
CA GLY A 131 5.96 -1.90 -10.83
C GLY A 131 5.54 -2.39 -9.45
N PRO A 132 5.19 -3.66 -9.36
CA PRO A 132 4.67 -4.18 -8.09
C PRO A 132 5.78 -4.33 -7.04
N ALA A 133 5.38 -4.22 -5.77
CA ALA A 133 6.33 -4.19 -4.65
C ALA A 133 7.28 -5.40 -4.65
N GLU A 134 6.76 -6.58 -4.97
CA GLU A 134 7.50 -7.83 -4.75
C GLU A 134 8.74 -7.92 -5.61
N VAL A 135 8.84 -7.12 -6.67
CA VAL A 135 9.95 -7.25 -7.60
C VAL A 135 10.74 -5.94 -7.73
N MET A 136 10.60 -5.02 -6.75
CA MET A 136 11.42 -3.81 -6.70
C MET A 136 12.89 -4.12 -7.00
N PRO A 137 13.45 -3.49 -8.04
CA PRO A 137 14.84 -3.74 -8.42
C PRO A 137 15.85 -2.79 -7.79
N MET A 138 15.44 -1.71 -7.14
CA MET A 138 16.41 -0.68 -6.78
C MET A 138 16.85 -0.84 -5.33
N LYS A 139 17.96 -0.18 -5.00
CA LYS A 139 18.39 -0.01 -3.62
C LYS A 139 17.34 0.73 -2.78
N ARG A 140 17.28 0.38 -1.49
CA ARG A 140 16.28 0.85 -0.54
C ARG A 140 17.00 1.27 0.74
N PRO A 141 17.64 2.44 0.73
CA PRO A 141 18.41 2.86 1.91
C PRO A 141 17.54 3.20 3.11
N ALA A 142 18.10 2.98 4.28
CA ALA A 142 17.43 3.30 5.53
C ALA A 142 18.00 4.58 6.14
N TYR A 143 17.13 5.39 6.75
CA TYR A 143 17.56 6.66 7.32
C TYR A 143 17.01 6.78 8.75
N LYS A 144 17.78 7.37 9.67
CA LYS A 144 17.35 7.46 11.08
C LYS A 144 17.46 8.87 11.61
N ILE A 145 16.77 9.12 12.72
CA ILE A 145 17.10 10.23 13.61
C ILE A 145 17.76 9.65 14.85
N ASP A 146 18.50 10.49 15.56
CA ASP A 146 19.08 10.06 16.82
C ASP A 146 19.39 11.32 17.61
N ALA A 147 20.07 11.16 18.75
CA ALA A 147 20.32 12.30 19.62
C ALA A 147 21.14 13.39 18.93
N GLY A 148 22.08 13.00 18.06
CA GLY A 148 22.88 14.01 17.36
C GLY A 148 22.22 14.58 16.12
N CYS A 149 21.20 13.92 15.59
N CYS A 149 21.07 14.02 15.74
CA CYS A 149 20.38 14.53 14.54
CA CYS A 149 20.38 14.39 14.50
C CYS A 149 18.95 14.14 14.81
C CYS A 149 18.89 14.15 14.70
N PRO A 150 18.23 14.93 15.56
CA PRO A 150 16.94 14.50 16.12
C PRO A 150 15.73 14.78 15.25
N GLY A 151 14.55 14.45 15.79
CA GLY A 151 13.28 14.54 15.09
C GLY A 151 12.10 14.45 16.05
N SER A 152 11.84 15.59 16.73
CA SER A 152 10.82 15.67 17.77
C SER A 152 9.44 15.41 17.21
N ASP A 153 9.23 15.78 15.95
CA ASP A 153 7.94 15.49 15.32
C ASP A 153 7.79 14.00 15.04
N LEU A 154 8.76 13.41 14.35
CA LEU A 154 8.71 11.97 14.09
C LEU A 154 8.68 11.16 15.39
N ALA A 155 9.55 11.52 16.34
CA ALA A 155 9.64 10.77 17.59
C ALA A 155 8.39 10.97 18.46
N GLY A 156 7.89 12.20 18.58
CA GLY A 156 6.62 12.43 19.26
C GLY A 156 5.43 11.74 18.61
N GLY A 157 5.36 11.78 17.28
CA GLY A 157 4.23 11.16 16.61
C GLY A 157 4.22 9.65 16.74
N THR A 158 5.40 9.04 16.72
CA THR A 158 5.53 7.62 16.92
C THR A 158 5.23 7.23 18.37
N ALA A 159 5.69 8.05 19.33
CA ALA A 159 5.32 7.81 20.72
C ALA A 159 3.82 7.85 20.90
N ALA A 160 3.14 8.78 20.22
CA ALA A 160 1.68 8.81 20.30
C ALA A 160 1.05 7.55 19.71
N ALA A 161 1.58 7.07 18.57
CA ALA A 161 1.09 5.81 18.00
C ALA A 161 1.28 4.64 18.95
N LEU A 162 2.43 4.54 19.60
CA LEU A 162 2.63 3.43 20.54
C LEU A 162 1.79 3.61 21.81
N ALA A 163 1.66 4.84 22.29
CA ALA A 163 0.86 5.06 23.49
C ALA A 163 -0.61 4.79 23.25
N SER A 164 -1.15 5.28 22.12
CA SER A 164 -2.57 5.02 21.86
C SER A 164 -2.79 3.54 21.62
N ALA A 165 -1.91 2.91 20.81
CA ALA A 165 -2.01 1.46 20.61
C ALA A 165 -1.91 0.72 21.93
N SER A 166 -1.08 1.19 22.88
CA SER A 166 -0.97 0.42 24.12
C SER A 166 -2.31 0.34 24.83
N ILE A 167 -3.13 1.38 24.72
CA ILE A 167 -4.43 1.39 25.37
C ILE A 167 -5.32 0.30 24.78
N ILE A 168 -5.46 0.29 23.46
CA ILE A 168 -6.43 -0.58 22.81
C ILE A 168 -5.99 -2.03 22.80
N PHE A 169 -4.69 -2.32 23.01
CA PHE A 169 -4.21 -3.70 23.10
C PHE A 169 -4.29 -4.28 24.50
N LYS A 170 -4.46 -3.44 25.52
CA LYS A 170 -4.37 -3.97 26.87
C LYS A 170 -5.39 -5.07 27.14
N PRO A 171 -6.67 -5.00 26.69
CA PRO A 171 -7.61 -6.06 27.08
C PRO A 171 -7.26 -7.45 26.58
N THR A 172 -6.65 -7.59 25.40
CA THR A 172 -6.37 -8.90 24.84
C THR A 172 -4.90 -9.31 24.88
N ASP A 173 -3.98 -8.37 25.07
CA ASP A 173 -2.56 -8.72 25.03
C ASP A 173 -1.80 -7.72 25.89
N SER A 174 -1.85 -7.94 27.22
CA SER A 174 -1.30 -6.94 28.13
C SER A 174 0.22 -6.90 28.09
N SER A 175 0.88 -8.02 27.78
CA SER A 175 2.33 -7.94 27.67
C SER A 175 2.74 -7.16 26.43
N TYR A 176 2.03 -7.30 25.30
CA TYR A 176 2.33 -6.45 24.15
C TYR A 176 2.03 -4.97 24.44
N SER A 177 0.91 -4.70 25.14
CA SER A 177 0.59 -3.35 25.56
C SER A 177 1.70 -2.74 26.42
N GLU A 178 2.26 -3.51 27.36
CA GLU A 178 3.32 -2.97 28.20
C GLU A 178 4.55 -2.63 27.39
N LYS A 179 4.91 -3.49 26.44
CA LYS A 179 6.03 -3.23 25.54
C LYS A 179 5.81 -1.95 24.73
N LEU A 180 4.63 -1.82 24.11
CA LEU A 180 4.29 -0.59 23.38
C LEU A 180 4.45 0.64 24.26
N LEU A 181 3.95 0.57 25.50
CA LEU A 181 4.00 1.72 26.37
C LEU A 181 5.44 2.06 26.80
N ALA A 182 6.28 1.03 26.99
CA ALA A 182 7.64 1.30 27.41
C ALA A 182 8.41 2.00 26.31
N HIS A 183 8.23 1.57 25.06
CA HIS A 183 8.86 2.26 23.96
C HIS A 183 8.29 3.67 23.77
N ALA A 184 6.98 3.86 23.97
CA ALA A 184 6.40 5.19 23.83
C ALA A 184 7.02 6.18 24.80
N LYS A 185 7.25 5.76 26.05
CA LYS A 185 7.89 6.63 27.03
C LYS A 185 9.30 7.02 26.59
N GLN A 186 10.07 6.07 26.05
CA GLN A 186 11.46 6.35 25.63
C GLN A 186 11.49 7.29 24.44
N LEU A 187 10.69 6.98 23.40
CA LEU A 187 10.56 7.87 22.25
C LEU A 187 10.13 9.28 22.64
N TYR A 188 9.22 9.40 23.61
CA TYR A 188 8.83 10.75 23.99
C TYR A 188 9.99 11.49 24.67
N ASP A 189 10.76 10.80 25.51
CA ASP A 189 11.89 11.45 26.16
C ASP A 189 12.89 11.93 25.10
N PHE A 190 13.20 11.05 24.14
CA PHE A 190 13.94 11.41 22.93
C PHE A 190 13.39 12.67 22.27
N ALA A 191 12.09 12.69 21.95
CA ALA A 191 11.49 13.85 21.31
C ALA A 191 11.67 15.11 22.16
N ASP A 192 11.45 14.99 23.47
CA ASP A 192 11.46 16.17 24.34
C ASP A 192 12.88 16.66 24.58
N ARG A 193 13.84 15.76 24.77
CA ARG A 193 15.20 16.19 25.12
C ARG A 193 16.03 16.63 23.94
N TYR A 194 15.78 16.08 22.75
CA TYR A 194 16.63 16.34 21.59
C TYR A 194 15.71 16.92 20.53
N ARG A 195 15.72 18.25 20.45
CA ARG A 195 14.70 19.01 19.75
C ARG A 195 15.14 19.27 18.32
N GLY A 196 14.22 19.07 17.38
CA GLY A 196 14.47 19.45 15.99
C GLY A 196 13.48 18.77 15.08
N LYS A 197 13.40 19.29 13.85
CA LYS A 197 12.49 18.74 12.83
C LYS A 197 13.14 17.54 12.15
N TYR A 198 12.40 16.41 12.09
CA TYR A 198 13.04 15.18 11.61
C TYR A 198 13.53 15.32 10.16
N SER A 199 12.86 16.17 9.37
CA SER A 199 13.24 16.33 7.95
C SER A 199 14.48 17.20 7.77
N ASP A 200 14.98 17.85 8.81
CA ASP A 200 16.34 18.39 8.73
C ASP A 200 17.42 17.32 8.90
N CYS A 201 17.04 16.12 9.31
N CYS A 201 17.05 16.17 9.45
CA CYS A 201 18.01 15.04 9.50
CA CYS A 201 17.97 15.03 9.50
C CYS A 201 17.81 13.83 8.58
C CYS A 201 17.72 14.16 8.27
N ILE A 202 16.58 13.49 8.22
CA ILE A 202 16.26 12.65 7.06
C ILE A 202 15.84 13.61 5.95
N THR A 203 16.84 14.22 5.29
CA THR A 203 16.55 15.33 4.39
C THR A 203 15.75 14.90 3.18
N ASP A 204 15.81 13.61 2.78
CA ASP A 204 15.01 13.16 1.66
C ASP A 204 13.54 13.45 1.90
N ALA A 205 13.09 13.35 3.17
CA ALA A 205 11.69 13.53 3.51
C ALA A 205 11.18 14.95 3.22
N GLN A 206 12.07 15.93 3.11
CA GLN A 206 11.67 17.30 2.81
C GLN A 206 10.90 17.38 1.51
N GLN A 207 11.19 16.48 0.57
CA GLN A 207 10.58 16.56 -0.75
C GLN A 207 9.22 15.85 -0.83
N TYR A 208 8.83 15.14 0.23
CA TYR A 208 7.60 14.39 0.22
C TYR A 208 6.75 14.61 1.46
N TYR A 209 7.35 14.55 2.64
CA TYR A 209 6.63 14.72 3.93
C TYR A 209 7.40 15.71 4.80
N ASN A 210 7.56 16.91 4.26
CA ASN A 210 8.30 17.94 4.95
C ASN A 210 7.55 18.30 6.24
N SER A 211 8.32 18.66 7.27
CA SER A 211 7.73 19.09 8.54
C SER A 211 7.32 20.56 8.39
N TRP A 212 6.18 20.77 7.73
CA TRP A 212 5.72 22.14 7.49
C TRP A 212 5.50 22.88 8.80
N SER A 213 4.80 22.25 9.76
CA SER A 213 4.35 22.89 10.97
C SER A 213 5.40 22.85 12.09
N GLY A 214 6.46 22.08 11.93
CA GLY A 214 7.38 21.97 13.06
C GLY A 214 6.89 20.90 14.01
N TYR A 215 7.48 20.85 15.20
CA TYR A 215 7.27 19.72 16.10
C TYR A 215 6.52 20.09 17.37
N LYS A 216 6.16 21.36 17.56
CA LYS A 216 5.48 21.73 18.79
C LYS A 216 4.17 20.96 18.96
N ASP A 217 3.49 20.67 17.86
CA ASP A 217 2.21 19.98 17.99
C ASP A 217 2.43 18.51 18.38
N GLU A 218 3.44 17.84 17.81
CA GLU A 218 3.70 16.44 18.18
C GLU A 218 4.18 16.33 19.63
N LEU A 219 4.87 17.34 20.13
CA LEU A 219 5.24 17.30 21.54
C LEU A 219 4.00 17.27 22.43
N THR A 220 2.98 18.08 22.11
CA THR A 220 1.76 18.07 22.91
C THR A 220 1.00 16.75 22.73
N TRP A 221 0.89 16.31 21.49
CA TRP A 221 0.19 15.09 21.10
C TRP A 221 0.78 13.83 21.77
N GLY A 222 2.10 13.70 21.74
CA GLY A 222 2.73 12.60 22.43
C GLY A 222 2.46 12.61 23.92
N ALA A 223 2.51 13.80 24.53
CA ALA A 223 2.38 13.82 25.98
C ALA A 223 0.94 13.50 26.39
N VAL A 224 -0.05 14.01 25.65
CA VAL A 224 -1.41 13.75 26.10
C VAL A 224 -1.77 12.28 25.85
N TRP A 225 -1.24 11.67 24.77
CA TRP A 225 -1.48 10.23 24.59
C TRP A 225 -0.80 9.42 25.67
N LEU A 226 0.42 9.82 26.10
CA LEU A 226 1.04 9.16 27.24
C LEU A 226 0.20 9.33 28.52
N TYR A 227 -0.40 10.49 28.70
CA TYR A 227 -1.30 10.63 29.85
C TYR A 227 -2.50 9.68 29.73
N LEU A 228 -3.15 9.62 28.56
CA LEU A 228 -4.27 8.72 28.43
C LEU A 228 -3.82 7.29 28.64
N ALA A 229 -2.56 6.99 28.30
CA ALA A 229 -2.11 5.60 28.38
C ALA A 229 -1.60 5.18 29.75
N THR A 230 -1.28 6.15 30.64
CA THR A 230 -0.75 5.85 31.98
C THR A 230 -1.59 6.39 33.13
N GLU A 231 -2.40 7.43 32.88
CA GLU A 231 -3.03 8.25 33.90
C GLU A 231 -2.04 8.83 34.93
N GLU A 232 -0.76 8.92 34.60
CA GLU A 232 0.22 9.56 35.46
C GLU A 232 0.18 11.06 35.23
N GLN A 233 0.02 11.82 36.32
CA GLN A 233 -0.21 13.26 36.22
C GLN A 233 0.92 13.98 35.49
N GLN A 234 2.15 13.48 35.62
CA GLN A 234 3.30 14.16 35.01
C GLN A 234 3.11 14.37 33.52
N TYR A 235 2.42 13.43 32.83
CA TYR A 235 2.23 13.54 31.39
C TYR A 235 1.19 14.58 31.03
N LEU A 236 0.13 14.70 31.84
CA LEU A 236 -0.82 15.79 31.61
C LEU A 236 -0.14 17.15 31.81
N ASP A 237 0.67 17.26 32.85
CA ASP A 237 1.41 18.50 33.08
C ASP A 237 2.38 18.77 31.93
N LYS A 238 3.11 17.76 31.49
CA LYS A 238 3.97 17.98 30.32
C LYS A 238 3.16 18.43 29.10
N ALA A 239 2.03 17.80 28.84
CA ALA A 239 1.19 18.25 27.73
C ALA A 239 0.82 19.71 27.90
N LEU A 240 0.39 20.10 29.10
CA LEU A 240 -0.09 21.45 29.32
C LEU A 240 1.05 22.44 29.24
N ALA A 241 2.22 22.06 29.77
CA ALA A 241 3.41 22.90 29.64
C ALA A 241 3.79 23.10 28.19
N SER A 242 3.79 22.01 27.38
CA SER A 242 4.16 22.12 25.97
C SER A 242 3.25 23.09 25.23
N VAL A 243 2.03 23.30 25.73
CA VAL A 243 1.11 24.23 25.06
C VAL A 243 1.52 25.70 25.24
N SER A 244 2.33 26.03 26.24
CA SER A 244 2.76 27.41 26.29
C SER A 244 3.65 27.78 25.12
N ASP A 245 4.32 26.81 24.49
CA ASP A 245 5.06 27.11 23.25
C ASP A 245 4.17 27.30 22.03
N TRP A 246 2.86 27.03 22.11
CA TRP A 246 1.97 27.42 21.02
C TRP A 246 1.74 28.92 20.95
N GLY A 247 2.16 29.67 21.96
CA GLY A 247 1.93 31.09 21.96
C GLY A 247 0.52 31.45 22.38
N ASP A 248 0.20 32.71 22.16
CA ASP A 248 -1.07 33.33 22.51
C ASP A 248 -2.24 32.49 21.99
N PRO A 249 -3.12 31.99 22.88
CA PRO A 249 -4.24 31.14 22.43
C PRO A 249 -5.12 31.83 21.43
N ALA A 250 -5.18 33.16 21.48
CA ALA A 250 -5.99 33.89 20.50
C ALA A 250 -5.48 33.70 19.08
N ASN A 251 -4.20 33.38 18.89
CA ASN A 251 -3.65 33.20 17.54
C ASN A 251 -3.35 31.75 17.17
N TRP A 252 -3.78 30.77 17.95
CA TRP A 252 -3.65 29.39 17.53
C TRP A 252 -4.32 29.20 16.17
N PRO A 253 -3.71 28.43 15.27
CA PRO A 253 -4.32 28.24 13.95
C PRO A 253 -5.66 27.51 14.06
N TYR A 254 -6.59 27.88 13.16
CA TYR A 254 -7.85 27.15 13.02
C TYR A 254 -8.29 26.89 11.57
N ARG A 255 -7.55 27.36 10.54
CA ARG A 255 -8.00 27.20 9.15
C ARG A 255 -7.49 25.92 8.47
N TRP A 256 -6.74 25.07 9.16
CA TRP A 256 -6.38 23.76 8.58
C TRP A 256 -7.20 22.68 9.30
N THR A 257 -6.70 21.45 9.35
CA THR A 257 -7.37 20.39 10.09
C THR A 257 -6.32 19.39 10.51
N LEU A 258 -6.75 18.40 11.28
CA LEU A 258 -5.90 17.29 11.67
C LEU A 258 -5.29 16.65 10.41
N SER A 259 -3.98 16.36 10.44
CA SER A 259 -3.29 15.87 9.26
C SER A 259 -2.00 15.22 9.70
N TRP A 260 -1.35 14.50 8.77
CA TRP A 260 -0.10 13.82 9.09
C TRP A 260 0.95 14.80 9.59
N ASP A 261 0.91 16.06 9.13
CA ASP A 261 1.90 17.03 9.52
C ASP A 261 1.48 17.85 10.72
N ASP A 262 0.18 18.08 10.93
CA ASP A 262 -0.25 18.99 11.99
C ASP A 262 -1.26 18.28 12.89
N VAL A 263 -0.80 17.86 14.06
CA VAL A 263 -1.72 17.20 15.00
C VAL A 263 -2.22 18.18 16.07
N THR A 264 -2.01 19.49 15.87
CA THR A 264 -2.57 20.43 16.85
C THR A 264 -4.02 20.14 17.10
N TYR A 265 -4.77 19.85 16.01
CA TYR A 265 -6.21 19.71 16.08
C TYR A 265 -6.61 18.47 16.87
N GLY A 266 -5.81 17.41 16.82
CA GLY A 266 -6.10 16.26 17.65
C GLY A 266 -5.75 16.53 19.11
N ALA A 267 -4.57 17.12 19.36
CA ALA A 267 -4.10 17.35 20.75
C ALA A 267 -5.05 18.26 21.53
N GLN A 268 -5.46 19.37 20.92
CA GLN A 268 -6.30 20.31 21.65
C GLN A 268 -7.67 19.71 21.89
N LEU A 269 -8.15 18.85 20.99
CA LEU A 269 -9.44 18.24 21.24
C LEU A 269 -9.34 17.28 22.43
N LEU A 270 -8.26 16.49 22.49
CA LEU A 270 -8.10 15.58 23.63
C LEU A 270 -7.91 16.37 24.92
N LEU A 271 -7.13 17.46 24.87
CA LEU A 271 -6.98 18.29 26.06
C LEU A 271 -8.29 18.97 26.44
N ALA A 272 -9.13 19.31 25.47
CA ALA A 272 -10.38 19.97 25.82
C ALA A 272 -11.24 19.03 26.65
N ARG A 273 -11.28 17.76 26.29
CA ARG A 273 -12.09 16.82 27.08
C ARG A 273 -11.49 16.54 28.44
N LEU A 274 -10.17 16.49 28.54
CA LEU A 274 -9.52 16.23 29.81
C LEU A 274 -9.57 17.42 30.76
N THR A 275 -9.61 18.67 30.25
CA THR A 275 -9.47 19.84 31.12
C THR A 275 -10.69 20.77 31.15
N ASN A 276 -11.55 20.77 30.12
CA ASN A 276 -12.58 21.80 29.95
C ASN A 276 -11.99 23.20 29.92
N ASP A 277 -10.68 23.31 29.69
CA ASP A 277 -10.00 24.60 29.70
C ASP A 277 -10.46 25.40 28.48
N SER A 278 -10.94 26.61 28.70
CA SER A 278 -11.55 27.36 27.61
C SER A 278 -10.57 27.64 26.47
N ARG A 279 -9.26 27.67 26.74
CA ARG A 279 -8.33 27.82 25.62
C ARG A 279 -8.52 26.72 24.59
N PHE A 280 -8.70 25.47 25.04
CA PHE A 280 -8.82 24.36 24.10
C PHE A 280 -10.22 24.29 23.51
N VAL A 281 -11.26 24.43 24.33
CA VAL A 281 -12.63 24.48 23.80
C VAL A 281 -12.77 25.53 22.69
N LYS A 282 -12.30 26.75 22.93
CA LYS A 282 -12.51 27.78 21.94
C LYS A 282 -11.76 27.47 20.66
N SER A 283 -10.52 26.98 20.78
CA SER A 283 -9.73 26.70 19.59
C SER A 283 -10.36 25.57 18.79
N VAL A 284 -10.89 24.55 19.47
CA VAL A 284 -11.57 23.45 18.79
C VAL A 284 -12.78 23.96 18.04
N GLU A 285 -13.55 24.84 18.68
CA GLU A 285 -14.79 25.35 18.09
C GLU A 285 -14.53 26.35 16.97
N ARG A 286 -13.45 27.15 17.03
CA ARG A 286 -13.09 27.99 15.89
C ARG A 286 -12.84 27.12 14.67
N ASN A 287 -12.06 26.06 14.85
CA ASN A 287 -11.75 25.15 13.76
C ASN A 287 -13.01 24.49 13.20
N LEU A 288 -13.82 23.88 14.07
CA LEU A 288 -14.97 23.17 13.54
C LEU A 288 -16.08 24.13 13.05
N ASP A 289 -16.20 25.32 13.66
CA ASP A 289 -17.09 26.32 13.08
C ASP A 289 -16.66 26.69 11.67
N TYR A 290 -15.35 26.93 11.50
CA TYR A 290 -14.83 27.34 10.20
C TYR A 290 -15.12 26.28 9.15
N TRP A 291 -15.06 25.00 9.54
CA TRP A 291 -15.26 23.89 8.60
C TRP A 291 -16.73 23.62 8.30
N SER A 292 -17.64 23.96 9.24
CA SER A 292 -19.04 23.55 9.13
C SER A 292 -19.85 24.79 8.77
N THR A 293 -20.47 25.47 9.76
CA THR A 293 -21.40 26.55 9.42
C THR A 293 -20.72 27.89 9.18
N GLY A 294 -19.47 28.02 9.58
CA GLY A 294 -18.76 29.28 9.44
C GLY A 294 -18.40 29.78 10.81
N TYR A 295 -17.21 30.38 10.93
CA TYR A 295 -16.71 30.94 12.17
C TYR A 295 -17.08 32.41 12.27
N SER A 296 -17.85 32.76 13.29
CA SER A 296 -18.33 34.14 13.42
C SER A 296 -17.33 34.97 14.23
N HIS A 297 -16.86 36.07 13.64
CA HIS A 297 -16.09 37.12 14.31
C HIS A 297 -16.99 38.17 14.93
N ASN A 298 -18.31 37.96 14.86
CA ASN A 298 -19.42 38.89 15.14
C ASN A 298 -19.51 40.01 14.10
N GLY A 299 -18.38 40.60 13.71
CA GLY A 299 -18.33 41.26 12.42
C GLY A 299 -18.75 40.44 11.18
N SER A 300 -18.02 39.37 10.88
CA SER A 300 -18.24 38.61 9.66
C SER A 300 -18.21 37.11 9.98
N ILE A 301 -18.62 36.31 8.98
CA ILE A 301 -18.57 34.85 9.01
C ILE A 301 -17.42 34.39 8.11
N GLU A 302 -16.51 33.62 8.67
CA GLU A 302 -15.40 33.05 7.93
C GLU A 302 -15.60 31.54 7.75
N ARG A 303 -15.47 31.04 6.52
CA ARG A 303 -15.85 29.66 6.25
C ARG A 303 -14.98 29.08 5.15
N ILE A 304 -14.61 27.81 5.30
CA ILE A 304 -13.86 27.08 4.28
C ILE A 304 -14.67 27.07 2.99
N THR A 305 -13.97 27.04 1.88
CA THR A 305 -14.59 26.83 0.56
C THR A 305 -15.40 25.52 0.54
N TYR A 306 -16.60 25.58 -0.01
CA TYR A 306 -17.39 24.37 -0.25
C TYR A 306 -17.53 24.21 -1.75
N THR A 307 -17.44 22.98 -2.25
CA THR A 307 -17.81 22.79 -3.64
C THR A 307 -19.30 22.99 -3.79
N PRO A 308 -19.76 23.28 -5.01
CA PRO A 308 -21.21 23.37 -5.21
C PRO A 308 -21.95 22.10 -4.83
N GLY A 309 -21.28 20.93 -4.88
CA GLY A 309 -21.89 19.67 -4.50
C GLY A 309 -21.89 19.39 -3.01
N GLY A 310 -21.27 20.27 -2.22
CA GLY A 310 -21.33 20.16 -0.78
C GLY A 310 -20.11 19.59 -0.08
N LEU A 311 -18.98 19.44 -0.76
CA LEU A 311 -17.75 18.98 -0.13
C LEU A 311 -17.00 20.17 0.46
N ALA A 312 -16.71 20.10 1.77
CA ALA A 312 -15.80 21.06 2.41
C ALA A 312 -14.39 20.85 1.87
N TRP A 313 -13.85 21.87 1.18
CA TRP A 313 -12.71 21.70 0.27
C TRP A 313 -11.46 22.47 0.75
N LEU A 314 -10.50 21.76 1.32
CA LEU A 314 -9.34 22.47 1.87
C LEU A 314 -8.34 22.87 0.78
N GLU A 315 -7.97 21.94 -0.10
CA GLU A 315 -6.99 22.22 -1.14
C GLU A 315 -6.99 21.06 -2.16
N GLN A 316 -6.13 21.20 -3.17
CA GLN A 316 -6.18 20.37 -4.38
CA GLN A 316 -6.17 20.37 -4.39
C GLN A 316 -5.80 18.92 -4.13
N TRP A 317 -4.93 18.66 -3.14
CA TRP A 317 -4.39 17.32 -2.92
C TRP A 317 -5.02 16.65 -1.70
N GLY A 318 -5.51 15.44 -1.93
CA GLY A 318 -6.14 14.69 -0.87
C GLY A 318 -7.30 15.46 -0.26
N SER A 319 -8.16 16.03 -1.11
CA SER A 319 -9.32 16.81 -0.64
C SER A 319 -10.25 15.98 0.22
N LEU A 320 -10.56 14.73 -0.19
CA LEU A 320 -11.45 13.92 0.63
C LEU A 320 -10.80 13.55 1.97
N ARG A 321 -9.49 13.24 1.96
CA ARG A 321 -8.76 13.00 3.21
C ARG A 321 -8.95 14.17 4.19
N TYR A 322 -8.82 15.41 3.71
CA TYR A 322 -8.99 16.55 4.62
C TYR A 322 -10.41 16.62 5.19
N ALA A 323 -11.42 16.46 4.33
CA ALA A 323 -12.80 16.55 4.81
C ALA A 323 -13.13 15.42 5.76
N SER A 324 -12.55 14.24 5.49
CA SER A 324 -12.71 13.11 6.39
C SER A 324 -12.02 13.38 7.75
N ASN A 325 -10.81 13.92 7.72
CA ASN A 325 -10.09 14.25 8.94
C ASN A 325 -10.91 15.22 9.77
N ALA A 326 -11.50 16.23 9.11
CA ALA A 326 -12.32 17.18 9.84
C ALA A 326 -13.57 16.51 10.39
N ALA A 327 -14.21 15.65 9.59
CA ALA A 327 -15.41 14.91 10.03
C ALA A 327 -15.14 14.10 11.29
N PHE A 328 -13.92 13.58 11.41
CA PHE A 328 -13.60 12.75 12.54
C PHE A 328 -13.50 13.60 13.82
N LEU A 329 -12.86 14.76 13.73
CA LEU A 329 -12.82 15.67 14.87
C LEU A 329 -14.22 16.08 15.25
N ALA A 330 -15.05 16.28 14.24
CA ALA A 330 -16.42 16.67 14.47
C ALA A 330 -17.21 15.58 15.17
N PHE A 331 -17.03 14.32 14.75
CA PHE A 331 -17.68 13.20 15.44
C PHE A 331 -17.21 13.10 16.89
N VAL A 332 -15.90 13.18 17.11
CA VAL A 332 -15.41 13.05 18.48
C VAL A 332 -15.90 14.19 19.35
N TYR A 333 -15.84 15.42 18.85
CA TYR A 333 -16.36 16.52 19.63
C TYR A 333 -17.84 16.31 19.93
N SER A 334 -18.59 15.86 18.94
CA SER A 334 -20.04 15.75 19.05
C SER A 334 -20.48 14.62 19.97
N ASP A 335 -19.59 13.68 20.28
CA ASP A 335 -19.91 12.69 21.31
C ASP A 335 -19.44 13.10 22.69
N TRP A 336 -18.71 14.21 22.77
CA TRP A 336 -18.16 14.63 24.03
C TRP A 336 -19.12 15.57 24.75
N VAL A 337 -19.65 16.53 24.04
CA VAL A 337 -20.41 17.59 24.64
C VAL A 337 -21.79 17.63 23.99
N ASP A 338 -22.67 18.36 24.64
CA ASP A 338 -24.10 18.35 24.45
C ASP A 338 -24.59 19.71 23.96
N THR A 339 -23.68 20.57 23.52
CA THR A 339 -23.96 21.92 23.04
C THR A 339 -24.65 21.89 21.68
N GLU A 340 -25.12 23.05 21.23
N GLU A 340 -25.23 23.02 21.30
CA GLU A 340 -25.62 23.15 19.86
CA GLU A 340 -25.80 23.17 19.99
C GLU A 340 -24.51 22.94 18.84
C GLU A 340 -24.77 22.85 18.91
N LYS A 341 -23.26 23.32 19.17
N LYS A 341 -23.50 23.27 19.10
CA LYS A 341 -22.13 22.98 18.30
CA LYS A 341 -22.47 22.98 18.11
C LYS A 341 -22.12 21.50 17.96
C LYS A 341 -22.26 21.47 17.89
N ALA A 342 -22.41 20.65 18.96
CA ALA A 342 -22.33 19.19 18.75
C ALA A 342 -23.29 18.71 17.66
N LYS A 343 -24.51 19.24 17.64
CA LYS A 343 -25.46 18.79 16.62
C LYS A 343 -25.05 19.29 15.23
N ARG A 344 -24.64 20.57 15.13
N ARG A 344 -24.64 20.56 15.13
CA ARG A 344 -24.16 21.11 13.84
CA ARG A 344 -24.17 21.12 13.87
C ARG A 344 -22.98 20.33 13.31
C ARG A 344 -22.99 20.32 13.32
N TYR A 345 -22.04 19.98 14.19
CA TYR A 345 -20.83 19.28 13.75
C TYR A 345 -21.16 17.85 13.39
N ARG A 346 -22.04 17.21 14.17
CA ARG A 346 -22.45 15.85 13.82
C ARG A 346 -23.08 15.81 12.43
N ASP A 347 -23.96 16.78 12.12
CA ASP A 347 -24.59 16.82 10.81
C ASP A 347 -23.57 17.07 9.72
N PHE A 348 -22.64 18.02 9.95
CA PHE A 348 -21.52 18.24 9.04
C PHE A 348 -20.76 16.94 8.74
N ALA A 349 -20.37 16.22 9.79
CA ALA A 349 -19.57 15.00 9.62
C ALA A 349 -20.31 13.96 8.79
N VAL A 350 -21.59 13.76 9.06
CA VAL A 350 -22.35 12.76 8.30
C VAL A 350 -22.42 13.16 6.84
N ARG A 351 -22.76 14.44 6.55
CA ARG A 351 -22.91 14.89 5.17
C ARG A 351 -21.60 14.78 4.41
N GLN A 352 -20.47 15.15 5.05
CA GLN A 352 -19.17 14.96 4.39
C GLN A 352 -18.92 13.48 4.11
N THR A 353 -19.22 12.61 5.08
CA THR A 353 -19.02 11.19 4.84
C THR A 353 -19.92 10.70 3.72
N GLU A 354 -21.20 11.14 3.70
CA GLU A 354 -22.12 10.72 2.64
C GLU A 354 -21.67 11.22 1.27
N TYR A 355 -21.05 12.40 1.20
CA TYR A 355 -20.47 12.85 -0.06
C TYR A 355 -19.45 11.86 -0.59
N MET A 356 -18.43 11.51 0.22
CA MET A 356 -17.41 10.68 -0.39
C MET A 356 -17.89 9.24 -0.61
N LEU A 357 -19.03 8.82 -0.04
CA LEU A 357 -19.58 7.48 -0.28
C LEU A 357 -20.56 7.41 -1.46
N GLY A 358 -20.86 8.55 -2.11
CA GLY A 358 -21.62 8.58 -3.35
C GLY A 358 -22.60 9.74 -3.54
N ASP A 359 -22.83 10.56 -2.51
CA ASP A 359 -23.86 11.60 -2.57
C ASP A 359 -23.17 12.89 -3.04
N ASN A 360 -22.92 12.95 -4.33
CA ASN A 360 -22.06 13.98 -4.91
C ASN A 360 -22.43 14.12 -6.38
N PRO A 361 -21.90 15.17 -7.05
CA PRO A 361 -22.25 15.35 -8.48
C PRO A 361 -21.70 14.26 -9.40
N GLN A 362 -20.58 13.57 -9.10
CA GLN A 362 -20.18 12.48 -10.01
C GLN A 362 -21.05 11.24 -9.85
N GLN A 363 -22.01 11.28 -8.90
CA GLN A 363 -22.84 10.17 -8.51
C GLN A 363 -22.03 8.88 -8.37
N ARG A 364 -20.99 8.93 -7.55
CA ARG A 364 -20.15 7.75 -7.41
C ARG A 364 -19.45 7.74 -6.07
N SER A 365 -19.29 6.54 -5.54
CA SER A 365 -18.35 6.29 -4.47
C SER A 365 -16.92 6.71 -4.84
N PHE A 366 -16.18 7.20 -3.85
CA PHE A 366 -14.75 7.49 -4.01
C PHE A 366 -13.89 6.52 -3.21
N VAL A 367 -14.46 5.37 -2.82
CA VAL A 367 -13.76 4.27 -2.13
C VAL A 367 -13.60 3.12 -3.14
N VAL A 368 -12.35 2.76 -3.46
CA VAL A 368 -12.11 1.71 -4.45
C VAL A 368 -12.83 0.45 -4.02
N GLY A 369 -13.53 -0.21 -4.96
CA GLY A 369 -14.16 -1.49 -4.62
C GLY A 369 -15.39 -1.42 -3.73
N TYR A 370 -15.97 -0.23 -3.51
CA TYR A 370 -17.18 -0.07 -2.71
C TYR A 370 -18.20 0.83 -3.39
N GLY A 371 -19.47 0.46 -3.31
CA GLY A 371 -20.54 1.40 -3.70
C GLY A 371 -20.76 1.49 -5.21
N LYS A 372 -21.31 2.61 -5.60
CA LYS A 372 -21.67 2.89 -6.97
C LYS A 372 -20.46 3.45 -7.74
N ASN A 373 -20.18 2.84 -8.90
CA ASN A 373 -19.16 3.23 -9.84
C ASN A 373 -17.86 3.73 -9.17
N PRO A 374 -17.24 2.90 -8.33
CA PRO A 374 -16.04 3.37 -7.58
C PRO A 374 -14.85 3.59 -8.50
N PRO A 375 -13.82 4.31 -8.05
CA PRO A 375 -12.63 4.51 -8.89
C PRO A 375 -12.00 3.17 -9.24
N LYS A 376 -11.73 2.99 -10.54
CA LYS A 376 -11.12 1.79 -11.08
C LYS A 376 -9.62 1.93 -11.29
N HIS A 377 -9.09 3.17 -11.35
CA HIS A 377 -7.68 3.36 -11.68
C HIS A 377 -6.92 4.12 -10.59
N PRO A 378 -6.97 3.67 -9.32
CA PRO A 378 -6.20 4.37 -8.28
C PRO A 378 -4.72 4.36 -8.63
N HIS A 379 -4.04 5.43 -8.23
CA HIS A 379 -2.61 5.63 -8.48
C HIS A 379 -1.83 4.73 -7.53
N HIS A 380 -1.63 3.46 -7.93
CA HIS A 380 -1.10 2.46 -7.00
C HIS A 380 -0.37 1.39 -7.79
N ARG A 381 0.94 1.29 -7.57
CA ARG A 381 1.79 0.40 -8.35
C ARG A 381 1.36 -1.07 -8.26
N THR A 382 1.17 -1.59 -7.05
CA THR A 382 1.01 -3.05 -6.96
C THR A 382 -0.37 -3.51 -7.42
N ALA A 383 -1.40 -2.71 -7.15
CA ALA A 383 -2.74 -3.03 -7.60
C ALA A 383 -2.86 -2.93 -9.11
N HIS A 384 -2.13 -1.99 -9.72
CA HIS A 384 -2.13 -1.87 -11.17
C HIS A 384 -1.50 -3.10 -11.80
N GLY A 385 -0.31 -3.45 -11.36
CA GLY A 385 0.34 -4.67 -11.79
C GLY A 385 1.07 -4.57 -13.11
N SER A 386 1.70 -3.43 -13.40
CA SER A 386 2.45 -3.31 -14.66
C SER A 386 3.61 -4.31 -14.74
N TRP A 387 3.78 -4.97 -15.91
CA TRP A 387 5.01 -5.73 -16.15
C TRP A 387 6.04 -4.95 -16.96
N ALA A 388 5.71 -3.72 -17.32
CA ALA A 388 6.42 -3.00 -18.37
C ALA A 388 6.94 -1.65 -17.91
N ASN A 389 6.90 -1.37 -16.59
CA ASN A 389 7.36 -0.08 -16.07
C ASN A 389 6.66 1.09 -16.76
N GLN A 390 5.36 0.95 -16.93
CA GLN A 390 4.53 1.94 -17.63
C GLN A 390 3.17 2.01 -16.95
N MET A 391 2.75 3.24 -16.59
CA MET A 391 1.45 3.42 -15.95
C MET A 391 0.28 3.04 -16.88
N ASN A 392 0.51 2.96 -18.19
CA ASN A 392 -0.59 2.66 -19.09
C ASN A 392 -0.58 1.22 -19.58
N VAL A 393 0.28 0.37 -19.02
CA VAL A 393 0.37 -1.02 -19.39
C VAL A 393 0.33 -1.83 -18.10
N PRO A 394 -0.70 -2.68 -17.88
CA PRO A 394 -1.91 -2.88 -18.71
C PRO A 394 -2.85 -1.67 -18.64
N GLU A 395 -3.91 -1.61 -19.46
CA GLU A 395 -4.82 -0.46 -19.47
C GLU A 395 -5.81 -0.46 -18.32
N ASN A 396 -5.99 -1.58 -17.65
CA ASN A 396 -6.86 -1.68 -16.48
C ASN A 396 -6.09 -2.39 -15.39
N HIS A 397 -6.42 -2.07 -14.14
CA HIS A 397 -5.74 -2.66 -12.99
C HIS A 397 -5.92 -4.16 -12.97
N ARG A 398 -4.87 -4.86 -12.59
CA ARG A 398 -4.97 -6.30 -12.42
C ARG A 398 -5.67 -6.66 -11.13
N HIS A 399 -5.58 -5.81 -10.09
CA HIS A 399 -6.16 -6.12 -8.78
C HIS A 399 -7.04 -5.01 -8.25
N THR A 400 -7.94 -5.36 -7.34
CA THR A 400 -8.87 -4.41 -6.75
C THR A 400 -8.33 -3.97 -5.39
N LEU A 401 -7.98 -2.68 -5.28
CA LEU A 401 -7.46 -2.10 -4.03
C LEU A 401 -8.63 -1.71 -3.11
N TYR A 402 -9.37 -2.74 -2.65
CA TYR A 402 -10.58 -2.52 -1.85
C TYR A 402 -10.31 -1.55 -0.71
N GLY A 403 -11.22 -0.59 -0.52
CA GLY A 403 -11.26 0.20 0.70
C GLY A 403 -10.50 1.51 0.62
N ALA A 404 -9.69 1.71 -0.40
CA ALA A 404 -8.88 2.92 -0.53
C ALA A 404 -9.75 4.13 -0.86
N LEU A 405 -9.62 5.18 -0.03
CA LEU A 405 -10.22 6.48 -0.31
C LEU A 405 -9.27 7.31 -1.19
N VAL A 406 -9.75 7.74 -2.35
CA VAL A 406 -8.90 8.45 -3.31
C VAL A 406 -8.87 9.94 -2.98
N GLY A 407 -7.91 10.66 -3.56
CA GLY A 407 -7.86 12.11 -3.37
C GLY A 407 -9.18 12.82 -3.60
N GLY A 408 -9.86 12.50 -4.71
CA GLY A 408 -11.21 12.98 -4.94
C GLY A 408 -11.31 14.28 -5.73
N PRO A 409 -12.47 14.93 -5.69
CA PRO A 409 -12.77 16.02 -6.62
C PRO A 409 -12.01 17.30 -6.36
N GLY A 410 -11.97 18.14 -7.40
CA GLY A 410 -11.48 19.50 -7.30
C GLY A 410 -12.55 20.43 -6.75
N ARG A 411 -12.20 21.73 -6.66
CA ARG A 411 -13.10 22.66 -5.97
C ARG A 411 -14.44 22.87 -6.68
N ASP A 412 -14.55 22.47 -7.95
CA ASP A 412 -15.80 22.54 -8.69
C ASP A 412 -16.46 21.16 -8.83
N ASP A 413 -16.04 20.18 -8.05
CA ASP A 413 -16.55 18.81 -8.03
C ASP A 413 -16.09 17.98 -9.23
N SER A 414 -15.20 18.51 -10.06
CA SER A 414 -14.63 17.77 -11.18
C SER A 414 -13.71 16.65 -10.69
N TYR A 415 -13.59 15.59 -11.49
CA TYR A 415 -12.88 14.39 -11.05
C TYR A 415 -12.65 13.52 -12.27
N ARG A 416 -11.46 12.88 -12.37
CA ARG A 416 -11.17 11.92 -13.44
C ARG A 416 -10.59 10.64 -12.86
N ASP A 417 -11.15 9.51 -13.26
CA ASP A 417 -10.73 8.20 -12.83
C ASP A 417 -9.61 7.78 -13.77
N ASP A 418 -8.41 8.28 -13.47
CA ASP A 418 -7.23 8.16 -14.31
C ASP A 418 -6.03 7.82 -13.45
N ILE A 419 -5.29 6.77 -13.84
CA ILE A 419 -4.14 6.35 -13.02
C ILE A 419 -3.08 7.46 -12.88
N THR A 420 -2.97 8.37 -13.87
CA THR A 420 -1.97 9.44 -13.85
C THR A 420 -2.44 10.70 -13.13
N ASP A 421 -3.72 10.78 -12.77
CA ASP A 421 -4.27 11.99 -12.16
C ASP A 421 -4.08 11.83 -10.66
N TYR A 422 -2.98 12.38 -10.14
CA TYR A 422 -2.64 12.21 -8.72
C TYR A 422 -3.62 12.93 -7.79
N ALA A 423 -4.08 14.12 -8.18
CA ALA A 423 -5.09 14.85 -7.41
C ALA A 423 -6.37 14.03 -7.22
N SER A 424 -6.88 13.44 -8.32
CA SER A 424 -8.11 12.63 -8.27
C SER A 424 -7.87 11.27 -7.63
N ASN A 425 -6.74 10.60 -7.91
CA ASN A 425 -6.69 9.17 -7.65
C ASN A 425 -5.50 8.71 -6.82
N GLU A 426 -4.76 9.62 -6.20
CA GLU A 426 -3.81 9.22 -5.18
C GLU A 426 -4.51 8.45 -4.08
N VAL A 427 -3.81 7.47 -3.50
CA VAL A 427 -4.25 6.74 -2.31
C VAL A 427 -3.09 6.75 -1.31
N ALA A 428 -3.39 6.71 -0.02
CA ALA A 428 -2.35 6.78 0.99
C ALA A 428 -2.86 6.29 2.34
N ILE A 429 -1.95 5.79 3.18
CA ILE A 429 -2.35 5.36 4.51
C ILE A 429 -2.95 6.53 5.33
N ASP A 430 -2.39 7.74 5.21
CA ASP A 430 -3.01 8.84 5.97
C ASP A 430 -4.40 9.21 5.42
N TYR A 431 -4.66 9.07 4.11
CA TYR A 431 -6.02 9.24 3.55
C TYR A 431 -7.06 8.38 4.27
N ASN A 432 -6.73 7.12 4.54
CA ASN A 432 -7.73 6.22 5.11
C ASN A 432 -7.77 6.23 6.62
N ALA A 433 -6.90 6.98 7.31
CA ALA A 433 -6.78 6.75 8.74
C ALA A 433 -8.01 7.30 9.50
N ALA A 434 -8.25 8.62 9.46
CA ALA A 434 -9.46 9.10 10.13
C ALA A 434 -10.72 8.57 9.44
N PHE A 435 -10.67 8.40 8.11
CA PHE A 435 -11.79 7.86 7.37
C PHE A 435 -12.26 6.54 7.96
N THR A 436 -11.31 5.66 8.32
CA THR A 436 -11.69 4.35 8.88
C THR A 436 -12.50 4.52 10.15
N GLY A 437 -12.09 5.46 11.00
CA GLY A 437 -12.88 5.74 12.18
C GLY A 437 -14.24 6.32 11.87
N ASN A 438 -14.32 7.22 10.88
CA ASN A 438 -15.61 7.73 10.46
C ASN A 438 -16.54 6.62 10.05
N VAL A 439 -16.01 5.60 9.34
CA VAL A 439 -16.84 4.46 8.93
C VAL A 439 -17.35 3.71 10.17
N ALA A 440 -16.47 3.51 11.16
CA ALA A 440 -16.90 2.87 12.40
C ALA A 440 -18.07 3.62 13.04
N LYS A 441 -18.01 4.95 13.01
CA LYS A 441 -19.06 5.78 13.57
C LYS A 441 -20.33 5.68 12.72
N MET A 442 -20.21 5.73 11.38
CA MET A 442 -21.37 5.48 10.54
C MET A 442 -22.01 4.14 10.88
N PHE A 443 -21.21 3.11 11.16
CA PHE A 443 -21.78 1.83 11.54
C PHE A 443 -22.53 1.96 12.86
N GLN A 444 -21.93 2.65 13.81
CA GLN A 444 -22.60 2.81 15.09
C GLN A 444 -23.92 3.55 14.92
N LEU A 445 -23.97 4.54 14.02
CA LEU A 445 -25.17 5.38 13.95
C LEU A 445 -26.21 4.75 13.06
N PHE A 446 -25.78 4.19 11.94
CA PHE A 446 -26.73 3.78 10.92
C PHE A 446 -26.59 2.32 10.56
N GLY A 447 -25.65 1.58 11.16
CA GLY A 447 -25.34 0.26 10.63
C GLY A 447 -26.03 -0.89 11.36
N LYS A 448 -27.19 -0.65 11.98
CA LYS A 448 -27.83 -1.76 12.68
C LYS A 448 -28.19 -2.86 11.70
N GLY A 449 -27.70 -4.06 11.96
CA GLY A 449 -28.02 -5.19 11.13
C GLY A 449 -27.12 -5.34 9.96
N HIS A 450 -26.13 -4.46 9.77
CA HIS A 450 -25.12 -4.62 8.74
C HIS A 450 -24.13 -5.68 9.18
N VAL A 451 -23.90 -6.67 8.31
CA VAL A 451 -22.90 -7.69 8.60
C VAL A 451 -21.79 -7.59 7.54
N PRO A 452 -20.56 -7.97 7.85
CA PRO A 452 -19.51 -7.94 6.84
C PRO A 452 -19.66 -9.06 5.80
N LEU A 453 -18.81 -9.05 4.80
CA LEU A 453 -18.90 -10.04 3.74
C LEU A 453 -18.16 -11.31 4.17
N PRO A 454 -18.79 -12.47 4.04
CA PRO A 454 -18.11 -13.69 4.47
C PRO A 454 -17.15 -14.14 3.38
N ASP A 455 -16.04 -14.74 3.84
CA ASP A 455 -15.04 -15.34 2.96
C ASP A 455 -14.53 -14.34 1.92
N PHE A 456 -14.18 -13.16 2.40
CA PHE A 456 -13.95 -12.05 1.52
C PHE A 456 -12.53 -11.52 1.72
N PRO A 457 -11.82 -11.15 0.64
CA PRO A 457 -12.19 -11.25 -0.77
C PRO A 457 -11.99 -12.61 -1.33
N GLU A 458 -12.69 -12.98 -2.39
CA GLU A 458 -12.34 -14.22 -3.07
C GLU A 458 -10.97 -14.09 -3.74
N LYS A 459 -10.21 -15.18 -3.70
CA LYS A 459 -8.91 -15.18 -4.37
C LYS A 459 -9.11 -14.86 -5.85
N GLU A 460 -8.26 -13.98 -6.39
CA GLU A 460 -8.33 -13.64 -7.80
C GLU A 460 -7.73 -14.76 -8.66
N THR A 461 -8.40 -15.09 -9.76
CA THR A 461 -7.88 -16.07 -10.74
C THR A 461 -6.75 -15.44 -11.54
N PRO A 462 -5.53 -16.00 -11.56
CA PRO A 462 -4.44 -15.33 -12.29
C PRO A 462 -4.70 -15.36 -13.78
N GLU A 463 -4.23 -14.32 -14.47
CA GLU A 463 -4.01 -14.40 -15.91
C GLU A 463 -2.73 -15.20 -16.18
N ASP A 464 -2.38 -15.38 -17.46
CA ASP A 464 -1.12 -16.06 -17.78
C ASP A 464 0.04 -15.23 -17.26
N GLU A 465 0.87 -15.83 -16.42
CA GLU A 465 1.96 -15.08 -15.78
C GLU A 465 3.33 -15.41 -16.35
N TYR A 466 3.59 -16.65 -16.71
CA TYR A 466 4.89 -17.05 -17.24
C TYR A 466 4.63 -17.80 -18.54
N PHE A 467 5.24 -17.38 -19.63
CA PHE A 467 4.92 -18.01 -20.90
C PHE A 467 5.99 -17.62 -21.91
N ALA A 468 6.12 -18.44 -22.95
CA ALA A 468 6.99 -18.14 -24.08
C ALA A 468 6.13 -17.62 -25.21
N GLU A 469 6.57 -16.54 -25.86
CA GLU A 469 6.07 -16.21 -27.19
C GLU A 469 7.09 -16.75 -28.19
N ALA A 470 6.61 -17.39 -29.27
CA ALA A 470 7.57 -18.03 -30.14
C ALA A 470 7.15 -17.86 -31.58
N SER A 471 8.13 -18.03 -32.47
CA SER A 471 7.87 -17.96 -33.90
C SER A 471 8.90 -18.82 -34.61
N ILE A 472 8.57 -19.21 -35.84
CA ILE A 472 9.51 -19.97 -36.65
C ILE A 472 10.41 -18.99 -37.38
N ASN A 473 11.72 -19.08 -37.14
CA ASN A 473 12.65 -18.35 -38.00
C ASN A 473 12.66 -19.00 -39.38
N SER A 474 13.13 -20.25 -39.47
CA SER A 474 13.09 -21.01 -40.72
C SER A 474 12.84 -22.49 -40.39
N SER A 475 12.39 -23.25 -41.39
CA SER A 475 12.18 -24.69 -41.28
C SER A 475 12.53 -25.32 -42.60
N GLY A 476 13.12 -26.53 -42.56
CA GLY A 476 13.62 -27.25 -43.73
C GLY A 476 13.39 -28.75 -43.65
N ASN A 477 13.88 -29.53 -44.64
CA ASN A 477 13.78 -30.98 -44.50
C ASN A 477 14.93 -31.56 -43.65
N SER A 478 15.76 -30.71 -43.04
CA SER A 478 16.66 -31.17 -42.00
C SER A 478 16.79 -30.27 -40.75
N TYR A 479 15.94 -29.26 -40.55
CA TYR A 479 16.08 -28.47 -39.33
C TYR A 479 14.82 -27.59 -39.13
N THR A 480 14.64 -27.16 -37.89
CA THR A 480 13.65 -26.16 -37.52
C THR A 480 14.38 -25.20 -36.62
N GLU A 481 14.19 -23.89 -36.84
CA GLU A 481 14.82 -22.85 -36.04
C GLU A 481 13.75 -21.96 -35.44
N ILE A 482 13.81 -21.76 -34.13
CA ILE A 482 12.75 -21.14 -33.36
C ILE A 482 13.27 -19.86 -32.74
N ARG A 483 12.42 -18.84 -32.71
CA ARG A 483 12.64 -17.62 -31.94
C ARG A 483 11.71 -17.64 -30.72
N ALA A 484 12.28 -17.48 -29.54
CA ALA A 484 11.46 -17.54 -28.33
C ALA A 484 11.78 -16.35 -27.43
N GLN A 485 10.75 -15.78 -26.81
CA GLN A 485 10.92 -14.80 -25.73
C GLN A 485 10.19 -15.34 -24.53
N LEU A 486 10.95 -15.63 -23.48
CA LEU A 486 10.39 -16.17 -22.25
C LEU A 486 9.99 -15.01 -21.35
N ASN A 487 8.71 -14.97 -20.96
CA ASN A 487 8.09 -13.84 -20.27
C ASN A 487 7.82 -14.15 -18.81
N ASN A 488 8.02 -13.17 -17.93
CA ASN A 488 7.55 -13.21 -16.56
C ASN A 488 6.72 -11.95 -16.41
N ARG A 489 5.40 -12.09 -16.47
CA ARG A 489 4.44 -11.00 -16.30
C ARG A 489 3.56 -11.28 -15.08
N SER A 490 4.16 -11.87 -14.07
CA SER A 490 3.43 -12.34 -12.92
C SER A 490 2.75 -11.20 -12.18
N GLY A 491 1.68 -11.54 -11.49
CA GLY A 491 0.94 -10.57 -10.72
C GLY A 491 0.16 -11.19 -9.57
N TRP A 492 0.16 -12.52 -9.40
CA TRP A 492 -0.73 -13.16 -8.42
C TRP A 492 0.00 -14.11 -7.47
N PRO A 493 1.03 -13.62 -6.75
CA PRO A 493 1.61 -12.26 -6.74
C PRO A 493 2.69 -12.15 -7.79
N ALA A 494 3.07 -10.94 -8.10
CA ALA A 494 4.30 -10.72 -8.81
C ALA A 494 5.43 -11.39 -8.05
N LYS A 495 6.41 -11.90 -8.79
CA LYS A 495 7.52 -12.67 -8.23
C LYS A 495 8.76 -12.45 -9.10
N LYS A 496 9.91 -12.33 -8.46
CA LYS A 496 11.19 -12.39 -9.18
C LYS A 496 11.50 -13.84 -9.52
N THR A 497 11.97 -14.09 -10.74
CA THR A 497 12.39 -15.45 -11.13
C THR A 497 13.77 -15.40 -11.78
N ASP A 498 14.74 -16.06 -11.16
CA ASP A 498 16.01 -16.23 -11.84
C ASP A 498 16.27 -17.71 -12.18
N GLN A 499 15.25 -18.55 -12.13
CA GLN A 499 15.45 -19.94 -12.57
C GLN A 499 14.34 -20.37 -13.50
N LEU A 500 13.97 -19.52 -14.47
CA LEU A 500 12.92 -19.83 -15.41
C LEU A 500 13.49 -20.64 -16.57
N SER A 501 12.68 -21.57 -17.09
CA SER A 501 13.11 -22.40 -18.21
C SER A 501 11.89 -22.72 -19.05
N PHE A 502 12.12 -23.21 -20.27
CA PHE A 502 11.03 -23.82 -21.01
C PHE A 502 11.53 -25.09 -21.68
N ARG A 503 10.58 -25.83 -22.25
CA ARG A 503 10.90 -27.06 -22.95
C ARG A 503 10.23 -27.01 -24.31
N TYR A 504 10.94 -27.51 -25.31
CA TYR A 504 10.43 -27.54 -26.67
C TYR A 504 10.46 -28.99 -27.11
N TYR A 505 9.28 -29.54 -27.38
CA TYR A 505 9.10 -30.97 -27.63
C TYR A 505 8.94 -31.30 -29.10
N VAL A 506 9.52 -32.43 -29.49
CA VAL A 506 9.50 -32.94 -30.84
C VAL A 506 9.17 -34.43 -30.80
N ASP A 507 8.66 -34.90 -31.94
CA ASP A 507 8.39 -36.29 -32.21
C ASP A 507 9.44 -36.71 -33.23
N LEU A 508 10.27 -37.69 -32.86
CA LEU A 508 11.30 -38.19 -33.75
C LEU A 508 10.89 -39.48 -34.47
N THR A 509 9.59 -39.76 -34.58
CA THR A 509 9.15 -41.00 -35.20
C THR A 509 9.71 -41.15 -36.62
N GLU A 510 9.58 -40.09 -37.44
CA GLU A 510 10.10 -40.08 -38.80
C GLU A 510 11.62 -40.26 -38.86
N ALA A 511 12.35 -39.76 -37.85
CA ALA A 511 13.79 -40.01 -37.73
C ALA A 511 14.08 -41.50 -37.55
N VAL A 512 13.45 -42.10 -36.54
CA VAL A 512 13.68 -43.51 -36.26
C VAL A 512 13.32 -44.35 -37.48
N GLU A 513 12.28 -43.95 -38.22
CA GLU A 513 11.89 -44.74 -39.39
C GLU A 513 12.94 -44.64 -40.50
N ALA A 514 13.65 -43.50 -40.57
CA ALA A 514 14.73 -43.32 -41.53
C ALA A 514 16.07 -43.90 -41.06
N GLY A 515 16.11 -44.50 -39.88
CA GLY A 515 17.32 -45.12 -39.41
C GLY A 515 18.14 -44.23 -38.48
N TYR A 516 17.58 -43.14 -38.01
CA TYR A 516 18.24 -42.13 -37.18
C TYR A 516 17.65 -42.17 -35.78
N SER A 517 18.18 -41.35 -34.88
CA SER A 517 17.70 -41.40 -33.50
C SER A 517 17.97 -40.03 -32.87
N ALA A 518 17.55 -39.85 -31.61
CA ALA A 518 17.77 -38.57 -30.94
C ALA A 518 19.25 -38.17 -30.93
N GLU A 519 20.16 -39.13 -30.87
CA GLU A 519 21.61 -38.89 -30.97
C GLU A 519 21.99 -38.08 -32.20
N ASP A 520 21.24 -38.17 -33.29
CA ASP A 520 21.58 -37.54 -34.56
C ASP A 520 21.03 -36.13 -34.73
N ILE A 521 20.29 -35.62 -33.75
CA ILE A 521 19.75 -34.26 -33.81
C ILE A 521 20.62 -33.38 -32.93
N LYS A 522 21.08 -32.26 -33.47
CA LYS A 522 21.95 -31.34 -32.71
C LYS A 522 21.14 -30.10 -32.34
N VAL A 523 21.14 -29.71 -31.06
CA VAL A 523 20.45 -28.50 -30.62
C VAL A 523 21.48 -27.43 -30.34
N THR A 524 21.37 -26.31 -31.05
CA THR A 524 22.35 -25.23 -31.00
C THR A 524 21.64 -23.90 -30.83
N ALA A 525 22.23 -23.04 -30.02
CA ALA A 525 21.72 -21.69 -29.85
C ALA A 525 22.39 -20.76 -30.84
N GLY A 526 21.65 -19.74 -31.26
CA GLY A 526 22.18 -18.64 -32.03
C GLY A 526 22.10 -17.42 -31.14
N TYR A 527 21.41 -16.37 -31.59
CA TYR A 527 21.24 -15.20 -30.74
C TYR A 527 20.67 -15.59 -29.38
N ASN A 528 21.30 -15.13 -28.31
CA ASN A 528 21.04 -15.71 -27.00
C ASN A 528 21.23 -14.66 -25.91
N GLU A 529 20.18 -14.38 -25.15
CA GLU A 529 20.26 -13.46 -24.02
C GLU A 529 20.52 -14.19 -22.70
N GLY A 530 21.33 -15.25 -22.69
CA GLY A 530 21.75 -15.86 -21.44
C GLY A 530 21.21 -17.27 -21.12
N ALA A 531 20.57 -17.96 -22.07
CA ALA A 531 20.07 -19.29 -21.81
C ALA A 531 21.11 -20.35 -22.15
N SER A 532 21.07 -21.46 -21.43
CA SER A 532 21.64 -22.69 -21.98
C SER A 532 20.53 -23.47 -22.71
N VAL A 533 20.89 -24.13 -23.83
CA VAL A 533 19.95 -24.97 -24.55
C VAL A 533 20.51 -26.40 -24.53
N SER A 534 19.74 -27.33 -24.01
CA SER A 534 20.24 -28.69 -23.86
C SER A 534 20.12 -29.48 -25.16
N GLU A 535 20.88 -30.55 -25.26
CA GLU A 535 20.59 -31.54 -26.26
C GLU A 535 19.28 -32.24 -25.90
N LEU A 536 18.75 -32.98 -26.87
CA LEU A 536 17.50 -33.68 -26.70
C LEU A 536 17.55 -34.66 -25.55
N LYS A 537 16.50 -34.66 -24.76
CA LYS A 537 16.20 -35.56 -23.66
C LYS A 537 14.88 -36.26 -23.93
N PRO A 538 14.73 -37.52 -23.54
CA PRO A 538 13.48 -38.22 -23.82
C PRO A 538 12.35 -37.75 -22.90
N HIS A 539 11.17 -37.60 -23.49
CA HIS A 539 9.93 -37.44 -22.76
C HIS A 539 9.11 -38.72 -22.71
N ASP A 540 9.06 -39.45 -23.82
CA ASP A 540 8.28 -40.69 -23.90
C ASP A 540 9.01 -41.53 -24.94
N ALA A 541 9.87 -42.40 -24.43
CA ALA A 541 10.79 -43.13 -25.29
C ALA A 541 10.04 -44.06 -26.25
N SER A 542 8.96 -44.68 -25.78
CA SER A 542 8.23 -45.60 -26.65
C SER A 542 7.64 -44.88 -27.86
N LYS A 543 7.28 -43.60 -27.70
CA LYS A 543 6.68 -42.83 -28.78
C LYS A 543 7.65 -41.88 -29.45
N HIS A 544 8.94 -41.94 -29.12
CA HIS A 544 9.96 -41.10 -29.75
C HIS A 544 9.74 -39.61 -29.52
N ILE A 545 9.24 -39.26 -28.33
CA ILE A 545 9.00 -37.87 -27.96
C ILE A 545 10.18 -37.40 -27.11
N TYR A 546 10.84 -36.33 -27.58
CA TYR A 546 12.02 -35.73 -26.98
C TYR A 546 11.75 -34.23 -26.81
N TYR A 547 12.58 -33.58 -25.99
CA TYR A 547 12.53 -32.13 -25.83
C TYR A 547 13.94 -31.57 -25.62
N THR A 548 14.09 -30.28 -25.89
CA THR A 548 15.26 -29.51 -25.45
C THR A 548 14.83 -28.64 -24.26
N GLU A 549 15.62 -28.65 -23.21
CA GLU A 549 15.35 -27.78 -22.06
C GLU A 549 16.16 -26.53 -22.25
N VAL A 550 15.47 -25.37 -22.31
CA VAL A 550 16.11 -24.07 -22.53
C VAL A 550 15.93 -23.29 -21.24
N SER A 551 17.04 -22.96 -20.60
CA SER A 551 17.08 -22.53 -19.22
C SER A 551 17.81 -21.19 -19.11
N PHE A 552 17.21 -20.22 -18.43
CA PHE A 552 17.87 -18.93 -18.19
C PHE A 552 18.38 -18.86 -16.75
N SER A 553 19.15 -19.87 -16.39
CA SER A 553 19.51 -20.11 -14.99
C SER A 553 20.40 -18.97 -14.50
N GLY A 554 19.97 -18.31 -13.43
CA GLY A 554 20.76 -17.19 -12.95
C GLY A 554 20.47 -15.87 -13.61
N VAL A 555 19.57 -15.84 -14.61
CA VAL A 555 19.16 -14.58 -15.27
C VAL A 555 17.88 -14.10 -14.60
N LEU A 556 17.93 -12.94 -13.98
CA LEU A 556 16.74 -12.39 -13.34
C LEU A 556 15.77 -11.89 -14.38
N ILE A 557 14.52 -12.34 -14.28
CA ILE A 557 13.43 -11.94 -15.16
C ILE A 557 12.27 -11.60 -14.23
N TYR A 558 11.57 -10.50 -14.48
CA TYR A 558 10.60 -10.02 -13.50
C TYR A 558 9.69 -8.98 -14.14
N PRO A 559 8.45 -8.85 -13.66
CA PRO A 559 7.54 -7.85 -14.24
C PRO A 559 7.88 -6.43 -13.84
N GLY A 560 8.90 -5.85 -14.47
CA GLY A 560 9.37 -4.54 -14.06
C GLY A 560 9.93 -3.72 -15.20
N GLY A 561 9.52 -3.97 -16.45
CA GLY A 561 9.99 -3.14 -17.55
C GLY A 561 10.03 -3.91 -18.85
N GLN A 562 10.19 -3.15 -19.93
CA GLN A 562 10.09 -3.76 -21.25
C GLN A 562 11.19 -4.79 -21.45
N SER A 563 12.40 -4.48 -21.02
CA SER A 563 13.46 -5.48 -21.10
C SER A 563 13.49 -6.43 -19.90
N ALA A 564 13.10 -5.97 -18.72
CA ALA A 564 13.22 -6.81 -17.54
C ALA A 564 12.31 -8.04 -17.62
N HIS A 565 11.15 -7.93 -18.27
CA HIS A 565 10.11 -8.98 -18.12
C HIS A 565 10.26 -10.12 -19.12
N LYS A 566 11.21 -10.06 -20.06
CA LYS A 566 11.40 -11.14 -21.04
C LYS A 566 12.87 -11.27 -21.39
N LYS A 567 13.26 -12.50 -21.76
CA LYS A 567 14.59 -12.78 -22.31
C LYS A 567 14.42 -13.60 -23.58
N GLU A 568 15.28 -13.38 -24.58
CA GLU A 568 15.13 -13.99 -25.90
C GLU A 568 16.22 -15.03 -26.14
N VAL A 569 15.86 -16.11 -26.84
CA VAL A 569 16.85 -17.04 -27.35
C VAL A 569 16.32 -17.57 -28.68
N GLN A 570 17.22 -17.73 -29.64
CA GLN A 570 16.92 -18.40 -30.90
C GLN A 570 17.73 -19.69 -30.98
N PHE A 571 17.09 -20.79 -31.34
CA PHE A 571 17.73 -22.09 -31.27
C PHE A 571 17.26 -22.95 -32.43
N ARG A 572 18.14 -23.84 -32.85
CA ARG A 572 17.87 -24.65 -34.01
C ARG A 572 18.00 -26.11 -33.63
N LEU A 573 17.06 -26.94 -34.10
CA LEU A 573 17.18 -28.39 -34.00
C LEU A 573 17.50 -28.92 -35.39
N SER A 574 18.67 -29.58 -35.54
CA SER A 574 19.13 -30.00 -36.87
C SER A 574 19.43 -31.49 -36.89
N ALA A 575 18.83 -32.15 -37.87
CA ALA A 575 19.26 -33.46 -38.34
C ALA A 575 20.55 -33.28 -39.15
N PRO A 576 21.27 -34.37 -39.44
CA PRO A 576 22.54 -34.23 -40.17
C PRO A 576 22.34 -33.60 -41.55
N ASP A 577 23.30 -32.76 -41.95
CA ASP A 577 23.21 -32.09 -43.24
C ASP A 577 23.03 -33.14 -44.34
N GLY A 578 22.12 -32.86 -45.27
CA GLY A 578 21.85 -33.79 -46.34
C GLY A 578 20.76 -34.81 -46.05
N THR A 579 20.29 -34.93 -44.81
CA THR A 579 19.17 -35.84 -44.58
C THR A 579 17.89 -35.12 -44.96
N SER A 580 16.81 -35.89 -45.19
CA SER A 580 15.54 -35.31 -45.60
C SER A 580 14.34 -35.83 -44.80
N PHE A 581 14.56 -36.46 -43.67
CA PHE A 581 13.41 -37.00 -42.94
C PHE A 581 12.75 -35.99 -42.01
N TRP A 582 13.46 -34.95 -41.56
CA TRP A 582 12.97 -34.13 -40.45
C TRP A 582 11.58 -33.55 -40.75
N ASN A 583 10.65 -33.75 -39.83
CA ASN A 583 9.26 -33.34 -40.01
C ASN A 583 8.70 -32.63 -38.78
N PRO A 584 8.62 -31.31 -38.80
CA PRO A 584 8.13 -30.59 -37.62
C PRO A 584 6.64 -30.72 -37.40
N GLU A 585 5.90 -31.19 -38.38
CA GLU A 585 4.44 -31.09 -38.33
C GLU A 585 3.85 -31.98 -37.26
N ASN A 586 4.55 -33.05 -36.87
CA ASN A 586 4.10 -33.90 -35.77
C ASN A 586 4.77 -33.55 -34.42
N ASP A 587 5.49 -32.41 -34.33
CA ASP A 587 6.18 -32.00 -33.12
C ASP A 587 5.26 -31.18 -32.23
N HIS A 588 5.10 -31.65 -30.99
CA HIS A 588 4.19 -31.02 -30.03
C HIS A 588 4.39 -29.51 -29.97
N SER A 589 5.64 -29.03 -29.83
CA SER A 589 5.83 -27.60 -29.59
C SER A 589 5.82 -26.74 -30.86
N TYR A 590 5.76 -27.35 -32.04
CA TYR A 590 5.62 -26.65 -33.32
C TYR A 590 4.19 -26.23 -33.63
N GLN A 591 3.21 -26.88 -33.01
CA GLN A 591 1.79 -26.70 -33.30
C GLN A 591 1.36 -25.24 -33.18
N GLY A 592 0.68 -24.75 -34.22
CA GLY A 592 0.19 -23.40 -34.29
C GLY A 592 1.23 -22.30 -34.42
N LEU A 593 2.51 -22.62 -34.41
CA LEU A 593 3.51 -21.57 -34.61
C LEU A 593 3.44 -21.01 -36.01
N SER A 594 3.74 -19.71 -36.12
CA SER A 594 3.75 -19.01 -37.40
C SER A 594 5.08 -18.27 -37.44
N HIS A 595 5.20 -17.31 -38.35
CA HIS A 595 6.41 -16.52 -38.41
C HIS A 595 6.30 -15.25 -37.59
N ALA A 596 5.17 -15.06 -36.91
CA ALA A 596 4.96 -13.97 -35.97
C ALA A 596 5.04 -14.50 -34.55
N LEU A 597 5.81 -13.82 -33.73
CA LEU A 597 5.96 -14.15 -32.32
C LEU A 597 4.60 -14.17 -31.63
N LEU A 598 4.22 -15.30 -31.03
CA LEU A 598 2.91 -15.40 -30.42
C LEU A 598 2.97 -16.36 -29.25
N LYS A 599 2.27 -16.01 -28.16
CA LYS A 599 2.19 -16.92 -27.01
C LYS A 599 1.76 -18.31 -27.47
N THR A 600 2.37 -19.35 -26.91
CA THR A 600 1.93 -20.71 -27.22
C THR A 600 1.86 -21.51 -25.93
N ARG A 601 0.77 -22.27 -25.77
CA ARG A 601 0.55 -23.15 -24.65
C ARG A 601 1.32 -24.45 -24.76
N TYR A 602 1.93 -24.73 -25.91
CA TYR A 602 2.63 -25.98 -26.15
C TYR A 602 4.13 -25.86 -25.90
N ILE A 603 4.59 -24.71 -25.39
CA ILE A 603 5.95 -24.61 -24.87
C ILE A 603 5.83 -24.39 -23.37
N PRO A 604 5.83 -25.44 -22.60
CA PRO A 604 5.63 -25.27 -21.16
C PRO A 604 6.79 -24.56 -20.52
N VAL A 605 6.48 -23.89 -19.40
CA VAL A 605 7.41 -23.02 -18.70
C VAL A 605 7.53 -23.48 -17.25
N TYR A 606 8.75 -23.49 -16.77
CA TYR A 606 9.12 -24.03 -15.48
C TYR A 606 9.83 -22.94 -14.69
N ASP A 607 9.58 -22.92 -13.37
CA ASP A 607 10.30 -22.03 -12.46
C ASP A 607 11.00 -22.92 -11.43
N ASP A 608 12.35 -22.95 -11.43
CA ASP A 608 13.06 -23.83 -10.49
C ASP A 608 12.63 -25.27 -10.67
N GLY A 609 12.27 -25.65 -11.89
CA GLY A 609 11.86 -27.00 -12.15
C GLY A 609 10.38 -27.25 -12.01
N ARG A 610 9.65 -26.32 -11.41
CA ARG A 610 8.22 -26.48 -11.22
C ARG A 610 7.45 -25.99 -12.45
N LEU A 611 6.55 -26.82 -12.99
CA LEU A 611 5.72 -26.39 -14.12
C LEU A 611 4.78 -25.26 -13.69
N VAL A 612 4.89 -24.11 -14.35
CA VAL A 612 4.04 -22.97 -14.04
C VAL A 612 3.16 -22.54 -15.22
N PHE A 613 3.35 -23.10 -16.42
CA PHE A 613 2.51 -22.73 -17.56
C PHE A 613 2.66 -23.77 -18.66
N GLY A 614 1.57 -23.98 -19.40
CA GLY A 614 1.61 -24.73 -20.66
C GLY A 614 1.35 -26.21 -20.49
N HIS A 615 1.37 -26.92 -21.62
CA HIS A 615 1.06 -28.35 -21.67
C HIS A 615 2.26 -29.14 -22.15
N GLU A 616 2.53 -30.22 -21.48
CA GLU A 616 3.48 -31.21 -21.95
C GLU A 616 2.75 -32.24 -22.80
N PRO A 617 3.47 -33.00 -23.64
CA PRO A 617 2.73 -34.00 -24.40
C PRO A 617 2.10 -35.01 -23.45
#